data_5XXA
#
_entry.id   5XXA
#
_cell.length_a   49.614
_cell.length_b   59.083
_cell.length_c   124.231
_cell.angle_alpha   90.00
_cell.angle_beta   90.00
_cell.angle_gamma   90.00
#
_symmetry.space_group_name_H-M   'P 21 21 21'
#
loop_
_entity.id
_entity.type
_entity.pdbx_description
1 polymer endo-1,4-beta-mannanase
2 water water
#
_entity_poly.entity_id   1
_entity_poly.type   'polypeptide(L)'
_entity_poly.pdbx_seq_one_letter_code
;ADRGTETVPGLGQRKQQILNSGGGVWDLAIA(MSE)LETKNLGTDYVYGDGKTYDSANFGIFKQNWF(MSE)LRTSTSQF
KGQTTNQWNNGAVLNSNLQQDIKARQESQNYYGPDKWFAGHRNGESGLSNPYTQDITNYKDAVNWIHDQLASDPKYLSDD
TRFWVDVTAI
;
_entity_poly.pdbx_strand_id   A,B
#
# COMPACT_ATOMS: atom_id res chain seq x y z
N GLY A 4 -12.98 11.22 17.87
CA GLY A 4 -14.43 11.06 17.89
C GLY A 4 -15.07 10.96 16.53
N THR A 5 -16.38 11.15 16.50
CA THR A 5 -17.16 11.06 15.27
C THR A 5 -18.00 12.30 15.12
N GLU A 6 -18.20 12.70 13.88
CA GLU A 6 -19.11 13.80 13.57
C GLU A 6 -19.82 13.46 12.27
N THR A 7 -20.93 14.13 12.02
CA THR A 7 -21.67 13.96 10.77
C THR A 7 -21.42 15.17 9.88
N VAL A 8 -20.99 14.90 8.65
CA VAL A 8 -20.67 15.93 7.67
C VAL A 8 -21.57 15.73 6.45
N PRO A 9 -22.58 16.57 6.29
CA PRO A 9 -23.53 16.36 5.18
C PRO A 9 -22.82 16.26 3.83
N GLY A 10 -23.16 15.22 3.07
CA GLY A 10 -22.63 15.00 1.75
C GLY A 10 -21.32 14.27 1.71
N LEU A 11 -20.73 13.97 2.88
CA LEU A 11 -19.44 13.28 2.89
C LEU A 11 -19.54 11.90 2.25
N GLY A 12 -20.68 11.22 2.41
CA GLY A 12 -20.81 9.87 1.88
C GLY A 12 -20.66 9.80 0.38
N GLN A 13 -21.22 10.77 -0.35
CA GLN A 13 -21.06 10.78 -1.80
C GLN A 13 -19.59 10.97 -2.18
N ARG A 14 -18.86 11.75 -1.38
CA ARG A 14 -17.45 11.98 -1.66
C ARG A 14 -16.61 10.75 -1.34
N LYS A 15 -16.92 10.04 -0.25
CA LYS A 15 -16.28 8.75 0.02
C LYS A 15 -16.43 7.81 -1.17
N GLN A 16 -17.66 7.71 -1.68
CA GLN A 16 -17.90 6.82 -2.81
C GLN A 16 -17.13 7.27 -4.05
N GLN A 17 -17.05 8.58 -4.29
CA GLN A 17 -16.27 9.06 -5.42
C GLN A 17 -14.80 8.67 -5.29
N ILE A 18 -14.24 8.74 -4.08
CA ILE A 18 -12.85 8.34 -3.88
C ILE A 18 -12.69 6.85 -4.14
N LEU A 19 -13.60 6.03 -3.60
CA LEU A 19 -13.53 4.59 -3.82
C LEU A 19 -13.77 4.23 -5.28
N ASN A 20 -14.59 5.00 -5.99
CA ASN A 20 -14.85 4.74 -7.39
C ASN A 20 -13.71 5.20 -8.29
N SER A 21 -12.77 5.96 -7.74
CA SER A 21 -11.69 6.56 -8.52
C SER A 21 -10.36 5.87 -8.26
N GLY A 22 -10.40 4.65 -7.76
CA GLY A 22 -9.19 3.89 -7.51
C GLY A 22 -8.78 3.85 -6.05
N GLY A 23 -9.44 4.62 -5.20
CA GLY A 23 -9.09 4.60 -3.78
C GLY A 23 -9.57 3.34 -3.08
N GLY A 24 -8.83 2.94 -2.05
CA GLY A 24 -9.27 1.92 -1.13
C GLY A 24 -9.65 2.52 0.22
N VAL A 25 -10.09 1.65 1.12
CA VAL A 25 -10.45 2.09 2.47
C VAL A 25 -9.26 2.77 3.14
N TRP A 26 -8.06 2.24 2.91
CA TRP A 26 -6.84 2.83 3.49
C TRP A 26 -6.61 4.25 2.98
N ASP A 27 -6.81 4.48 1.68
CA ASP A 27 -6.73 5.85 1.16
C ASP A 27 -7.78 6.73 1.81
N LEU A 28 -9.00 6.20 1.98
CA LEU A 28 -10.05 6.99 2.61
C LEU A 28 -9.65 7.38 4.03
N ALA A 29 -9.02 6.47 4.77
CA ALA A 29 -8.62 6.78 6.14
C ALA A 29 -7.60 7.92 6.18
N ILE A 30 -6.62 7.90 5.28
CA ILE A 30 -5.62 8.97 5.25
C ILE A 30 -6.28 10.31 4.91
N ALA A 31 -7.07 10.34 3.83
CA ALA A 31 -7.75 11.58 3.44
C ALA A 31 -8.66 12.08 4.56
N MSE A 32 -9.32 11.18 5.27
CA MSE A 32 -10.24 11.58 6.34
C MSE A 32 -9.52 12.29 7.47
O MSE A 32 -10.05 13.22 8.08
CB MSE A 32 -10.99 10.36 6.87
CG MSE A 32 -12.04 10.69 7.91
SE MSE A 32 -13.25 9.18 8.13
CE MSE A 32 -14.34 9.46 6.54
N LEU A 33 -8.29 11.85 7.75
CA LEU A 33 -7.50 12.51 8.78
C LEU A 33 -7.09 13.91 8.33
N GLU A 34 -6.80 14.07 7.04
CA GLU A 34 -6.19 15.32 6.56
C GLU A 34 -7.19 16.47 6.44
N THR A 35 -8.42 16.22 5.96
CA THR A 35 -9.41 17.28 5.86
C THR A 35 -10.78 16.79 6.30
N LYS A 36 -11.62 17.75 6.68
CA LYS A 36 -12.97 17.41 7.14
C LYS A 36 -13.86 17.00 5.99
N ASN A 37 -13.65 17.59 4.82
CA ASN A 37 -14.53 17.39 3.68
C ASN A 37 -13.96 16.47 2.61
N LEU A 38 -12.82 15.81 2.89
CA LEU A 38 -12.16 14.97 1.89
C LEU A 38 -11.88 15.78 0.62
N GLY A 39 -11.46 17.03 0.81
CA GLY A 39 -11.38 17.99 -0.26
C GLY A 39 -9.96 18.42 -0.57
N THR A 40 -9.87 19.31 -1.55
CA THR A 40 -8.61 19.95 -1.93
C THR A 40 -8.71 21.47 -1.86
N ASP A 41 -9.74 22.01 -1.20
CA ASP A 41 -9.98 23.46 -1.18
C ASP A 41 -9.40 24.14 0.05
N TYR A 42 -8.43 23.53 0.72
CA TYR A 42 -7.64 24.26 1.71
C TYR A 42 -6.77 25.28 0.98
N VAL A 43 -6.16 26.20 1.74
CA VAL A 43 -5.38 27.26 1.10
C VAL A 43 -4.28 26.64 0.24
N TYR A 44 -3.94 27.33 -0.85
CA TYR A 44 -3.00 26.78 -1.84
C TYR A 44 -1.72 26.28 -1.22
N GLY A 45 -1.35 25.04 -1.52
CA GLY A 45 -0.14 24.44 -0.97
C GLY A 45 -0.18 24.22 0.53
N ASP A 46 -1.39 24.32 1.11
CA ASP A 46 -1.63 24.46 2.54
C ASP A 46 -0.69 25.49 3.15
N GLY A 47 -0.43 26.57 2.41
CA GLY A 47 0.37 27.67 2.92
C GLY A 47 1.85 27.46 2.83
N LYS A 48 2.30 26.37 2.23
CA LYS A 48 3.72 26.05 2.12
C LYS A 48 4.16 26.07 0.66
N THR A 49 5.46 26.14 0.44
CA THR A 49 6.03 26.32 -0.89
C THR A 49 7.17 25.33 -1.11
N TYR A 50 7.56 25.20 -2.38
CA TYR A 50 8.68 24.36 -2.79
C TYR A 50 8.49 22.93 -2.26
N ASP A 51 9.53 22.31 -1.70
CA ASP A 51 9.40 20.89 -1.33
C ASP A 51 8.35 20.65 -0.26
N SER A 52 8.01 21.66 0.54
CA SER A 52 7.04 21.51 1.62
C SER A 52 5.58 21.68 1.18
N ALA A 53 5.33 22.17 -0.03
CA ALA A 53 3.95 22.45 -0.47
C ALA A 53 3.12 21.17 -0.49
N ASN A 54 1.85 21.29 -0.06
CA ASN A 54 0.90 20.18 0.02
C ASN A 54 -0.16 20.28 -1.07
N PHE A 55 -0.47 19.15 -1.71
CA PHE A 55 -1.48 19.12 -2.76
C PHE A 55 -2.36 17.89 -2.63
N GLY A 56 -3.60 18.00 -3.11
CA GLY A 56 -4.51 16.87 -3.18
C GLY A 56 -5.18 16.53 -1.85
N ILE A 57 -6.03 15.50 -1.88
CA ILE A 57 -6.85 15.20 -0.71
C ILE A 57 -6.03 14.63 0.44
N PHE A 58 -4.81 14.18 0.19
CA PHE A 58 -3.97 13.65 1.25
C PHE A 58 -2.94 14.67 1.75
N LYS A 59 -2.90 15.86 1.17
CA LYS A 59 -1.83 16.82 1.45
C LYS A 59 -0.45 16.19 1.26
N GLN A 60 -0.30 15.43 0.18
CA GLN A 60 1.03 14.95 -0.21
C GLN A 60 1.96 16.16 -0.42
N ASN A 61 3.22 16.02 -0.01
CA ASN A 61 4.14 17.13 -0.22
C ASN A 61 4.95 16.96 -1.50
N TRP A 62 5.47 18.08 -2.00
CA TRP A 62 6.11 18.06 -3.31
C TRP A 62 7.37 17.21 -3.30
N PHE A 63 8.13 17.20 -2.21
CA PHE A 63 9.29 16.32 -2.13
C PHE A 63 8.89 14.87 -2.43
N MSE A 64 7.82 14.40 -1.81
CA MSE A 64 7.39 13.03 -2.02
C MSE A 64 6.92 12.82 -3.46
O MSE A 64 7.27 11.83 -4.10
CB MSE A 64 6.28 12.67 -1.03
CG MSE A 64 6.81 12.63 0.43
SE MSE A 64 8.14 11.19 0.67
CE MSE A 64 6.87 9.76 1.04
N LEU A 65 6.14 13.77 -3.98
CA LEU A 65 5.64 13.65 -5.34
C LEU A 65 6.79 13.56 -6.35
N ARG A 66 7.78 14.46 -6.23
CA ARG A 66 8.85 14.50 -7.23
C ARG A 66 9.85 13.36 -7.08
N THR A 67 9.81 12.59 -5.99
CA THR A 67 10.75 11.50 -5.81
C THR A 67 10.16 10.11 -5.98
N SER A 68 8.82 9.96 -6.04
CA SER A 68 8.25 8.63 -5.89
C SER A 68 6.95 8.37 -6.65
N THR A 69 6.56 9.22 -7.60
CA THR A 69 5.35 9.01 -8.38
C THR A 69 5.70 9.02 -9.86
N SER A 70 4.94 8.26 -10.65
CA SER A 70 5.21 8.28 -12.09
C SER A 70 4.92 9.64 -12.70
N GLN A 71 3.97 10.39 -12.12
CA GLN A 71 3.57 11.66 -12.72
C GLN A 71 4.59 12.77 -12.49
N PHE A 72 5.37 12.73 -11.40
CA PHE A 72 6.24 13.85 -11.08
C PHE A 72 7.71 13.48 -10.87
N LYS A 73 8.07 12.19 -10.94
CA LYS A 73 9.44 11.78 -10.67
C LYS A 73 10.42 12.51 -11.58
N GLY A 74 11.51 13.02 -11.00
CA GLY A 74 12.51 13.73 -11.76
C GLY A 74 12.31 15.22 -11.83
N GLN A 75 11.14 15.72 -11.46
CA GLN A 75 10.93 17.16 -11.47
C GLN A 75 11.67 17.81 -10.30
N THR A 76 11.91 19.11 -10.44
CA THR A 76 12.76 19.81 -9.50
C THR A 76 11.94 20.46 -8.39
N THR A 77 12.63 20.85 -7.32
CA THR A 77 12.01 21.66 -6.28
C THR A 77 11.36 22.91 -6.87
N ASN A 78 12.02 23.55 -7.83
CA ASN A 78 11.50 24.78 -8.40
C ASN A 78 10.18 24.57 -9.14
N GLN A 79 9.92 23.34 -9.60
CA GLN A 79 8.71 23.03 -10.34
C GLN A 79 7.53 22.68 -9.43
N TRP A 80 7.60 23.04 -8.15
CA TRP A 80 6.63 22.57 -7.15
C TRP A 80 5.18 22.91 -7.50
N ASN A 81 4.93 24.01 -8.22
CA ASN A 81 3.56 24.34 -8.57
C ASN A 81 2.93 23.31 -9.49
N ASN A 82 3.75 22.47 -10.14
CA ASN A 82 3.21 21.41 -10.98
C ASN A 82 2.31 20.47 -10.19
N GLY A 83 2.55 20.34 -8.89
CA GLY A 83 1.74 19.44 -8.07
C GLY A 83 0.29 19.87 -7.96
N ALA A 84 -0.01 21.14 -8.25
CA ALA A 84 -1.36 21.66 -8.05
C ALA A 84 -2.39 20.97 -8.93
N VAL A 85 -1.96 20.26 -9.99
CA VAL A 85 -2.95 19.56 -10.81
C VAL A 85 -3.66 18.49 -10.00
N LEU A 86 -3.04 17.99 -8.94
CA LEU A 86 -3.71 17.01 -8.10
C LEU A 86 -4.91 17.61 -7.36
N ASN A 87 -4.97 18.94 -7.24
CA ASN A 87 -6.12 19.53 -6.56
C ASN A 87 -7.39 19.40 -7.37
N SER A 88 -7.28 19.12 -8.67
CA SER A 88 -8.45 18.99 -9.53
C SER A 88 -8.54 17.66 -10.25
N ASN A 89 -7.60 16.74 -10.06
CA ASN A 89 -7.67 15.43 -10.72
C ASN A 89 -7.59 14.36 -9.65
N LEU A 90 -8.76 13.88 -9.22
CA LEU A 90 -8.82 12.92 -8.11
C LEU A 90 -8.17 11.59 -8.48
N GLN A 91 -8.38 11.11 -9.71
CA GLN A 91 -7.77 9.85 -10.09
C GLN A 91 -6.25 9.94 -10.01
N GLN A 92 -5.67 11.04 -10.52
CA GLN A 92 -4.21 11.17 -10.48
C GLN A 92 -3.70 11.34 -9.06
N ASP A 93 -4.47 12.03 -8.23
CA ASP A 93 -4.14 12.24 -6.82
C ASP A 93 -4.02 10.90 -6.10
N ILE A 94 -5.03 10.05 -6.25
CA ILE A 94 -5.03 8.73 -5.60
C ILE A 94 -3.89 7.88 -6.16
N LYS A 95 -3.73 7.85 -7.48
CA LYS A 95 -2.68 7.02 -8.07
C LYS A 95 -1.31 7.47 -7.60
N ALA A 96 -1.10 8.78 -7.47
CA ALA A 96 0.19 9.27 -7.00
C ALA A 96 0.47 8.81 -5.58
N ARG A 97 -0.53 8.88 -4.70
CA ARG A 97 -0.27 8.46 -3.32
C ARG A 97 0.01 6.97 -3.26
N GLN A 98 -0.73 6.16 -4.01
CA GLN A 98 -0.51 4.72 -4.00
C GLN A 98 0.87 4.37 -4.53
N GLU A 99 1.28 4.99 -5.64
CA GLU A 99 2.61 4.77 -6.18
C GLU A 99 3.69 5.19 -5.18
N SER A 100 3.48 6.33 -4.50
CA SER A 100 4.46 6.82 -3.55
C SER A 100 4.62 5.83 -2.40
N GLN A 101 3.50 5.29 -1.91
CA GLN A 101 3.59 4.31 -0.83
C GLN A 101 4.18 3.00 -1.32
N ASN A 102 3.92 2.63 -2.57
CA ASN A 102 4.50 1.38 -3.10
C ASN A 102 5.96 1.54 -3.46
N TYR A 103 6.45 2.77 -3.57
CA TYR A 103 7.88 3.02 -3.78
C TYR A 103 8.65 2.96 -2.47
N TYR A 104 8.15 3.67 -1.46
CA TYR A 104 8.81 3.77 -0.16
C TYR A 104 8.45 2.67 0.81
N GLY A 105 7.33 1.97 0.60
CA GLY A 105 6.76 1.11 1.60
C GLY A 105 6.03 1.94 2.64
N PRO A 106 5.12 1.32 3.41
CA PRO A 106 4.27 2.13 4.31
C PRO A 106 5.03 2.87 5.39
N ASP A 107 5.97 2.22 6.08
CA ASP A 107 6.67 2.89 7.17
C ASP A 107 7.41 4.13 6.68
N LYS A 108 8.16 3.99 5.59
CA LYS A 108 8.89 5.15 5.09
C LYS A 108 7.96 6.17 4.44
N TRP A 109 6.88 5.71 3.82
CA TRP A 109 5.92 6.66 3.25
C TRP A 109 5.32 7.54 4.34
N PHE A 110 4.91 6.94 5.47
CA PHE A 110 4.40 7.74 6.57
C PHE A 110 5.41 8.81 6.98
N ALA A 111 6.68 8.42 7.09
CA ALA A 111 7.72 9.34 7.57
C ALA A 111 7.92 10.51 6.61
N GLY A 112 8.01 10.21 5.32
CA GLY A 112 8.23 11.25 4.34
C GLY A 112 6.99 12.09 4.11
N HIS A 113 5.81 11.48 4.21
CA HIS A 113 4.57 12.25 4.14
C HIS A 113 4.52 13.30 5.25
N ARG A 114 4.92 12.91 6.46
CA ARG A 114 4.81 13.81 7.60
C ARG A 114 6.01 14.76 7.73
N ASN A 115 7.22 14.25 7.55
CA ASN A 115 8.41 15.04 7.84
C ASN A 115 9.29 15.23 6.61
N GLY A 116 8.78 14.94 5.42
CA GLY A 116 9.53 15.17 4.21
C GLY A 116 10.84 14.39 4.19
N GLU A 117 11.82 14.99 3.53
CA GLU A 117 13.10 14.33 3.34
C GLU A 117 13.74 13.94 4.67
N SER A 118 13.65 14.83 5.67
CA SER A 118 14.24 14.52 6.97
C SER A 118 13.56 13.34 7.64
N GLY A 119 12.28 13.11 7.35
CA GLY A 119 11.59 11.97 7.92
C GLY A 119 12.10 10.63 7.43
N LEU A 120 12.53 10.56 6.16
CA LEU A 120 13.05 9.31 5.64
C LEU A 120 14.29 8.83 6.38
N SER A 121 15.03 9.77 6.99
CA SER A 121 16.26 9.46 7.74
C SER A 121 16.00 8.57 8.95
N ASN A 122 14.76 8.50 9.43
CA ASN A 122 14.37 7.64 10.55
C ASN A 122 12.86 7.63 10.64
N PRO A 123 12.19 6.61 10.10
CA PRO A 123 10.72 6.62 10.09
C PRO A 123 10.08 6.37 11.45
N TYR A 124 10.85 6.14 12.52
CA TYR A 124 10.30 5.53 13.72
C TYR A 124 10.28 6.46 14.93
N THR A 125 10.42 7.76 14.71
CA THR A 125 10.31 8.70 15.80
C THR A 125 8.85 8.83 16.24
N GLN A 126 8.68 9.32 17.48
CA GLN A 126 7.35 9.31 18.10
C GLN A 126 6.36 10.18 17.32
N ASP A 127 6.83 11.29 16.75
CA ASP A 127 5.92 12.16 16.00
C ASP A 127 5.29 11.42 14.82
N ILE A 128 6.10 10.66 14.08
CA ILE A 128 5.56 9.89 12.96
C ILE A 128 4.65 8.78 13.46
N THR A 129 5.05 8.11 14.54
CA THR A 129 4.21 7.07 15.14
C THR A 129 2.82 7.60 15.50
N ASN A 130 2.75 8.82 16.07
CA ASN A 130 1.45 9.37 16.45
C ASN A 130 0.55 9.53 15.24
N TYR A 131 1.09 9.99 14.11
CA TYR A 131 0.29 10.15 12.90
C TYR A 131 -0.14 8.79 12.37
N LYS A 132 0.80 7.85 12.26
CA LYS A 132 0.50 6.50 11.81
C LYS A 132 -0.58 5.83 12.68
N ASP A 133 -0.48 6.00 14.00
CA ASP A 133 -1.49 5.41 14.89
C ASP A 133 -2.87 6.01 14.62
N ALA A 134 -2.91 7.31 14.29
CA ALA A 134 -4.20 7.96 14.05
C ALA A 134 -4.84 7.46 12.76
N VAL A 135 -4.05 7.34 11.69
CA VAL A 135 -4.59 6.77 10.45
C VAL A 135 -5.11 5.38 10.71
N ASN A 136 -4.35 4.58 11.45
CA ASN A 136 -4.77 3.20 11.72
C ASN A 136 -6.05 3.15 12.54
N TRP A 137 -6.22 4.06 13.50
CA TRP A 137 -7.48 4.08 14.24
C TRP A 137 -8.65 4.43 13.33
N ILE A 138 -8.46 5.42 12.44
CA ILE A 138 -9.54 5.81 11.53
C ILE A 138 -9.85 4.66 10.57
N HIS A 139 -8.82 4.02 10.02
CA HIS A 139 -9.07 2.86 9.17
C HIS A 139 -9.85 1.78 9.92
N ASP A 140 -9.46 1.49 11.17
CA ASP A 140 -10.17 0.47 11.94
C ASP A 140 -11.65 0.82 12.08
N GLN A 141 -11.97 2.11 12.24
CA GLN A 141 -13.37 2.49 12.35
C GLN A 141 -14.10 2.30 11.03
N LEU A 142 -13.49 2.77 9.93
CA LEU A 142 -14.09 2.62 8.61
C LEU A 142 -14.28 1.15 8.25
N ALA A 143 -13.31 0.31 8.59
CA ALA A 143 -13.38 -1.11 8.26
C ALA A 143 -14.37 -1.88 9.12
N SER A 144 -14.89 -1.27 10.19
CA SER A 144 -15.73 -2.00 11.16
C SER A 144 -17.15 -2.23 10.65
N ASP A 145 -17.63 -1.37 9.74
CA ASP A 145 -19.00 -1.48 9.25
C ASP A 145 -19.07 -0.87 7.85
N PRO A 146 -19.54 -1.62 6.85
CA PRO A 146 -19.60 -1.09 5.48
C PRO A 146 -20.41 0.19 5.36
N LYS A 147 -21.35 0.45 6.27
CA LYS A 147 -22.14 1.67 6.16
C LYS A 147 -21.27 2.91 6.23
N TYR A 148 -20.12 2.82 6.90
CA TYR A 148 -19.23 3.98 7.03
C TYR A 148 -18.53 4.32 5.73
N LEU A 149 -18.62 3.47 4.72
CA LEU A 149 -18.04 3.79 3.42
C LEU A 149 -18.96 4.64 2.57
N SER A 150 -20.22 4.80 2.96
CA SER A 150 -21.15 5.58 2.14
C SER A 150 -22.03 6.53 2.94
N ASP A 151 -21.95 6.56 4.27
CA ASP A 151 -22.75 7.48 5.06
C ASP A 151 -21.97 8.78 5.28
N ASP A 152 -22.53 9.69 6.07
CA ASP A 152 -21.89 10.98 6.28
C ASP A 152 -21.05 11.01 7.56
N THR A 153 -20.65 9.86 8.08
CA THR A 153 -19.87 9.81 9.31
C THR A 153 -18.40 10.12 9.04
N ARG A 154 -17.85 11.04 9.79
CA ARG A 154 -16.41 11.30 9.80
C ARG A 154 -15.83 10.88 11.14
N PHE A 155 -14.75 10.09 11.09
CA PHE A 155 -13.96 9.77 12.27
C PHE A 155 -12.75 10.68 12.27
N TRP A 156 -12.51 11.36 13.38
CA TRP A 156 -11.44 12.35 13.47
C TRP A 156 -10.52 12.02 14.63
N VAL A 157 -9.26 12.40 14.47
CA VAL A 157 -8.25 12.30 15.52
C VAL A 157 -7.51 13.61 15.61
N GLY B 4 21.18 -12.53 4.53
CA GLY B 4 22.27 -12.26 3.60
C GLY B 4 21.91 -12.07 2.14
N THR B 5 22.87 -12.33 1.24
CA THR B 5 22.68 -12.14 -0.19
C THR B 5 23.02 -13.44 -0.92
N GLU B 6 22.43 -13.59 -2.11
CA GLU B 6 22.79 -14.67 -3.02
C GLU B 6 22.43 -14.25 -4.43
N THR B 7 23.11 -14.85 -5.42
CA THR B 7 22.83 -14.57 -6.82
C THR B 7 21.93 -15.67 -7.37
N VAL B 8 20.91 -15.28 -8.11
CA VAL B 8 19.95 -16.23 -8.67
C VAL B 8 19.75 -15.93 -10.15
N PRO B 9 20.25 -16.78 -11.05
CA PRO B 9 20.06 -16.51 -12.48
C PRO B 9 18.59 -16.35 -12.83
N GLY B 10 18.32 -15.37 -13.68
CA GLY B 10 16.97 -15.08 -14.11
C GLY B 10 16.19 -14.16 -13.19
N LEU B 11 16.73 -13.81 -12.02
CA LEU B 11 15.97 -13.05 -11.05
C LEU B 11 15.73 -11.62 -11.53
N GLY B 12 16.72 -11.02 -12.20
CA GLY B 12 16.56 -9.66 -12.69
C GLY B 12 15.44 -9.53 -13.71
N GLN B 13 15.28 -10.54 -14.56
CA GLN B 13 14.15 -10.54 -15.48
C GLN B 13 12.83 -10.52 -14.73
N ARG B 14 12.73 -11.31 -13.65
CA ARG B 14 11.50 -11.35 -12.87
C ARG B 14 11.28 -10.03 -12.11
N LYS B 15 12.36 -9.43 -11.60
CA LYS B 15 12.23 -8.12 -10.95
C LYS B 15 11.63 -7.10 -11.89
N GLN B 16 12.15 -7.02 -13.11
CA GLN B 16 11.67 -6.01 -14.05
C GLN B 16 10.25 -6.31 -14.51
N GLN B 17 9.88 -7.59 -14.63
CA GLN B 17 8.50 -7.90 -14.98
C GLN B 17 7.55 -7.47 -13.87
N ILE B 18 7.96 -7.65 -12.61
CA ILE B 18 7.11 -7.21 -11.51
C ILE B 18 6.94 -5.70 -11.55
N LEU B 19 8.05 -4.97 -11.70
CA LEU B 19 8.00 -3.51 -11.69
C LEU B 19 7.35 -2.94 -12.94
N ASN B 20 7.20 -3.74 -13.99
CA ASN B 20 6.52 -3.32 -15.21
C ASN B 20 5.08 -3.80 -15.29
N SER B 21 4.60 -4.50 -14.25
CA SER B 21 3.28 -5.10 -14.27
C SER B 21 2.42 -4.55 -13.14
N GLY B 22 2.73 -3.33 -12.70
CA GLY B 22 1.95 -2.68 -11.66
C GLY B 22 2.59 -2.69 -10.30
N GLY B 23 3.67 -3.46 -10.12
CA GLY B 23 4.26 -3.62 -8.81
C GLY B 23 5.28 -2.52 -8.52
N GLY B 24 5.39 -2.17 -7.24
CA GLY B 24 6.42 -1.27 -6.78
C GLY B 24 7.55 -2.03 -6.10
N VAL B 25 8.57 -1.26 -5.70
CA VAL B 25 9.68 -1.86 -4.94
C VAL B 25 9.15 -2.55 -3.68
N TRP B 26 8.08 -2.01 -3.09
CA TRP B 26 7.47 -2.64 -1.93
C TRP B 26 6.96 -4.05 -2.27
N ASP B 27 6.26 -4.18 -3.40
CA ASP B 27 5.80 -5.50 -3.82
C ASP B 27 6.96 -6.44 -4.08
N LEU B 28 8.02 -5.92 -4.72
CA LEU B 28 9.19 -6.76 -4.99
C LEU B 28 9.79 -7.31 -3.70
N ALA B 29 9.85 -6.49 -2.65
CA ALA B 29 10.41 -6.96 -1.38
C ALA B 29 9.59 -8.11 -0.80
N ILE B 30 8.26 -8.02 -0.89
CA ILE B 30 7.42 -9.09 -0.34
C ILE B 30 7.63 -10.38 -1.11
N ALA B 31 7.55 -10.30 -2.44
CA ALA B 31 7.74 -11.48 -3.27
C ALA B 31 9.11 -12.10 -3.02
N MSE B 32 10.13 -11.28 -2.85
CA MSE B 32 11.48 -11.74 -2.63
C MSE B 32 11.62 -12.58 -1.36
O MSE B 32 12.36 -13.56 -1.34
CB MSE B 32 12.42 -10.53 -2.58
CG MSE B 32 13.81 -10.85 -2.11
SE MSE B 32 15.13 -9.67 -2.96
CE MSE B 32 14.71 -8.08 -2.21
N LEU B 33 10.85 -12.22 -0.32
CA LEU B 33 10.83 -13.01 0.91
C LEU B 33 10.12 -14.35 0.70
N GLU B 34 9.09 -14.38 -0.17
CA GLU B 34 8.23 -15.55 -0.26
C GLU B 34 8.82 -16.67 -1.11
N THR B 35 9.50 -16.36 -2.22
CA THR B 35 10.14 -17.41 -3.02
C THR B 35 11.52 -16.97 -3.45
N LYS B 36 12.36 -17.97 -3.73
CA LYS B 36 13.72 -17.72 -4.18
C LYS B 36 13.76 -17.17 -5.61
N ASN B 37 12.81 -17.56 -6.46
CA ASN B 37 12.89 -17.24 -7.89
C ASN B 37 11.83 -16.24 -8.32
N LEU B 38 11.14 -15.57 -7.38
CA LEU B 38 10.07 -14.65 -7.73
C LEU B 38 9.06 -15.33 -8.65
N GLY B 39 8.79 -16.59 -8.36
CA GLY B 39 7.97 -17.38 -9.25
C GLY B 39 6.72 -17.92 -8.60
N THR B 40 6.02 -18.80 -9.31
CA THR B 40 4.81 -19.40 -8.79
C THR B 40 4.86 -20.93 -8.89
N ASP B 41 6.05 -21.50 -9.09
CA ASP B 41 6.17 -22.92 -9.35
C ASP B 41 6.46 -23.73 -8.09
N TYR B 42 6.12 -23.21 -6.92
CA TYR B 42 6.01 -24.05 -5.74
C TYR B 42 4.83 -25.00 -5.91
N VAL B 43 4.77 -26.02 -5.06
CA VAL B 43 3.70 -27.01 -5.21
C VAL B 43 2.35 -26.30 -5.12
N TYR B 44 1.38 -26.82 -5.86
CA TYR B 44 0.06 -26.19 -5.96
C TYR B 44 -0.53 -25.89 -4.59
N GLY B 45 -1.02 -24.66 -4.43
CA GLY B 45 -1.54 -24.19 -3.15
C GLY B 45 -0.51 -24.12 -2.04
N ASP B 46 0.77 -24.27 -2.37
CA ASP B 46 1.83 -24.54 -1.40
C ASP B 46 1.43 -25.70 -0.48
N GLY B 47 0.73 -26.68 -1.04
CA GLY B 47 0.33 -27.84 -0.29
C GLY B 47 -0.86 -27.64 0.62
N LYS B 48 -1.51 -26.48 0.57
CA LYS B 48 -2.66 -26.19 1.41
C LYS B 48 -3.90 -26.07 0.54
N THR B 49 -5.06 -26.14 1.18
CA THR B 49 -6.34 -26.16 0.49
C THR B 49 -7.31 -25.18 1.14
N TYR B 50 -8.39 -24.89 0.42
CA TYR B 50 -9.51 -24.08 0.91
C TYR B 50 -8.95 -22.71 1.32
N ASP B 51 -9.36 -22.17 2.48
CA ASP B 51 -8.96 -20.81 2.84
C ASP B 51 -7.45 -20.67 3.02
N SER B 52 -6.73 -21.77 3.31
CA SER B 52 -5.29 -21.73 3.55
C SER B 52 -4.45 -21.78 2.29
N ALA B 53 -5.04 -22.10 1.13
CA ALA B 53 -4.27 -22.30 -0.09
C ALA B 53 -3.59 -21.01 -0.53
N ASN B 54 -2.35 -21.14 -1.01
CA ASN B 54 -1.51 -20.02 -1.42
C ASN B 54 -1.34 -19.97 -2.93
N PHE B 55 -1.46 -18.77 -3.51
CA PHE B 55 -1.36 -18.58 -4.95
C PHE B 55 -0.50 -17.35 -5.26
N GLY B 56 0.13 -17.36 -6.43
CA GLY B 56 0.83 -16.19 -6.92
C GLY B 56 2.21 -16.03 -6.30
N ILE B 57 2.91 -14.97 -6.72
CA ILE B 57 4.30 -14.81 -6.31
C ILE B 57 4.42 -14.40 -4.84
N PHE B 58 3.33 -13.94 -4.23
CA PHE B 58 3.36 -13.57 -2.82
C PHE B 58 2.84 -14.68 -1.92
N LYS B 59 2.36 -15.78 -2.49
CA LYS B 59 1.68 -16.82 -1.73
C LYS B 59 0.52 -16.24 -0.93
N GLN B 60 -0.26 -15.38 -1.57
CA GLN B 60 -1.49 -14.89 -0.96
C GLN B 60 -2.42 -16.07 -0.68
N ASN B 61 -3.14 -16.01 0.43
CA ASN B 61 -4.02 -17.11 0.76
C ASN B 61 -5.45 -16.80 0.32
N TRP B 62 -6.22 -17.87 0.13
CA TRP B 62 -7.55 -17.73 -0.45
C TRP B 62 -8.49 -16.93 0.44
N PHE B 63 -8.37 -17.04 1.76
CA PHE B 63 -9.20 -16.23 2.64
C PHE B 63 -9.01 -14.75 2.35
N MSE B 64 -7.76 -14.32 2.21
CA MSE B 64 -7.51 -12.91 1.91
C MSE B 64 -8.00 -12.54 0.52
O MSE B 64 -8.60 -11.49 0.32
CB MSE B 64 -6.02 -12.59 2.05
CG MSE B 64 -5.51 -12.80 3.46
SE MSE B 64 -6.32 -11.51 4.70
CE MSE B 64 -5.11 -10.00 4.35
N LEU B 65 -7.76 -13.44 -0.44
CA LEU B 65 -8.20 -13.18 -1.81
C LEU B 65 -9.72 -12.98 -1.87
N ARG B 66 -10.48 -13.88 -1.24
CA ARG B 66 -11.94 -13.84 -1.37
C ARG B 66 -12.57 -12.73 -0.52
N THR B 67 -11.85 -12.17 0.46
CA THR B 67 -12.44 -11.16 1.33
C THR B 67 -12.03 -9.73 0.98
N SER B 68 -11.03 -9.53 0.11
CA SER B 68 -10.43 -8.21 -0.01
C SER B 68 -9.93 -7.83 -1.39
N THR B 69 -10.26 -8.58 -2.45
CA THR B 69 -9.87 -8.20 -3.79
C THR B 69 -11.11 -8.04 -4.65
N SER B 70 -11.00 -7.21 -5.69
CA SER B 70 -12.13 -7.07 -6.60
C SER B 70 -12.32 -8.34 -7.43
N GLN B 71 -11.22 -8.99 -7.82
CA GLN B 71 -11.31 -10.15 -8.71
C GLN B 71 -12.03 -11.33 -8.06
N PHE B 72 -11.89 -11.51 -6.74
CA PHE B 72 -12.47 -12.66 -6.06
C PHE B 72 -13.49 -12.25 -5.01
N LYS B 73 -13.95 -11.00 -5.03
CA LYS B 73 -14.85 -10.48 -4.02
C LYS B 73 -16.09 -11.35 -3.85
N GLY B 74 -16.39 -11.69 -2.60
CA GLY B 74 -17.60 -12.42 -2.28
C GLY B 74 -17.57 -13.91 -2.58
N GLN B 75 -16.46 -14.45 -3.08
CA GLN B 75 -16.42 -15.86 -3.38
C GLN B 75 -16.27 -16.68 -2.10
N THR B 76 -16.61 -17.96 -2.19
CA THR B 76 -16.69 -18.83 -1.03
C THR B 76 -15.37 -19.57 -0.81
N THR B 77 -15.27 -20.19 0.38
CA THR B 77 -14.14 -21.05 0.70
C THR B 77 -14.02 -22.19 -0.32
N ASN B 78 -15.15 -22.78 -0.72
CA ASN B 78 -15.11 -23.90 -1.65
C ASN B 78 -14.61 -23.50 -3.03
N GLN B 79 -14.65 -22.22 -3.38
CA GLN B 79 -14.18 -21.76 -4.68
C GLN B 79 -12.66 -21.56 -4.74
N TRP B 80 -11.91 -22.15 -3.81
CA TRP B 80 -10.50 -21.78 -3.62
C TRP B 80 -9.64 -22.06 -4.86
N ASN B 81 -10.00 -23.04 -5.69
CA ASN B 81 -9.20 -23.25 -6.88
C ASN B 81 -9.29 -22.10 -7.88
N ASN B 82 -10.27 -21.20 -7.72
CA ASN B 82 -10.33 -20.03 -8.58
C ASN B 82 -9.09 -19.14 -8.42
N GLY B 83 -8.43 -19.21 -7.27
CA GLY B 83 -7.23 -18.43 -7.10
C GLY B 83 -6.06 -18.86 -7.95
N ALA B 84 -6.12 -20.06 -8.55
CA ALA B 84 -4.97 -20.55 -9.30
C ALA B 84 -4.64 -19.71 -10.53
N VAL B 85 -5.59 -18.90 -11.03
CA VAL B 85 -5.29 -18.03 -12.16
C VAL B 85 -4.15 -17.07 -11.83
N LEU B 86 -3.97 -16.75 -10.56
CA LEU B 86 -2.88 -15.86 -10.17
C LEU B 86 -1.50 -16.47 -10.41
N ASN B 87 -1.41 -17.80 -10.51
CA ASN B 87 -0.13 -18.44 -10.79
C ASN B 87 0.38 -18.18 -12.20
N SER B 88 -0.46 -17.68 -13.11
CA SER B 88 0.02 -17.38 -14.46
C SER B 88 -0.37 -15.98 -14.95
N ASN B 89 -1.01 -15.16 -14.13
CA ASN B 89 -1.35 -13.79 -14.49
C ASN B 89 -0.74 -12.86 -13.45
N LEU B 90 0.45 -12.33 -13.76
CA LEU B 90 1.19 -11.50 -12.80
C LEU B 90 0.50 -10.15 -12.56
N GLN B 91 -0.05 -9.54 -13.61
CA GLN B 91 -0.76 -8.28 -13.41
C GLN B 91 -1.92 -8.42 -12.43
N GLN B 92 -2.70 -9.49 -12.56
CA GLN B 92 -3.80 -9.71 -11.63
C GLN B 92 -3.28 -10.07 -10.24
N ASP B 93 -2.16 -10.79 -10.19
CA ASP B 93 -1.54 -11.18 -8.92
C ASP B 93 -1.16 -9.94 -8.11
N ILE B 94 -0.46 -9.01 -8.76
CA ILE B 94 -0.01 -7.79 -8.09
C ILE B 94 -1.19 -6.91 -7.69
N LYS B 95 -2.14 -6.71 -8.61
CA LYS B 95 -3.29 -5.87 -8.30
C LYS B 95 -4.09 -6.46 -7.14
N ALA B 96 -4.23 -7.79 -7.09
CA ALA B 96 -4.91 -8.40 -5.96
C ALA B 96 -4.21 -8.10 -4.64
N ARG B 97 -2.89 -8.20 -4.63
CA ARG B 97 -2.17 -7.97 -3.37
C ARG B 97 -2.31 -6.52 -2.93
N GLN B 98 -2.18 -5.59 -3.89
CA GLN B 98 -2.30 -4.17 -3.56
C GLN B 98 -3.71 -3.83 -3.09
N GLU B 99 -4.74 -4.38 -3.75
CA GLU B 99 -6.10 -4.15 -3.28
C GLU B 99 -6.32 -4.73 -1.90
N SER B 100 -5.79 -5.93 -1.66
CA SER B 100 -5.94 -6.56 -0.35
C SER B 100 -5.34 -5.69 0.74
N GLN B 101 -4.16 -5.15 0.49
CA GLN B 101 -3.51 -4.29 1.47
C GLN B 101 -4.28 -2.99 1.67
N ASN B 102 -4.89 -2.45 0.61
CA ASN B 102 -5.65 -1.21 0.75
C ASN B 102 -6.97 -1.42 1.48
N TYR B 103 -7.50 -2.64 1.43
CA TYR B 103 -8.73 -2.97 2.13
C TYR B 103 -8.47 -3.14 3.63
N TYR B 104 -7.45 -3.92 3.98
CA TYR B 104 -7.17 -4.23 5.37
C TYR B 104 -6.27 -3.20 6.05
N GLY B 105 -5.52 -2.42 5.27
CA GLY B 105 -4.43 -1.63 5.80
C GLY B 105 -3.20 -2.50 5.95
N PRO B 106 -2.01 -1.87 5.92
CA PRO B 106 -0.76 -2.66 5.96
C PRO B 106 -0.65 -3.62 7.14
N ASP B 107 -0.92 -3.15 8.36
CA ASP B 107 -0.71 -4.00 9.53
C ASP B 107 -1.62 -5.22 9.50
N LYS B 108 -2.91 -5.00 9.25
CA LYS B 108 -3.84 -6.12 9.17
C LYS B 108 -3.58 -6.97 7.93
N TRP B 109 -3.15 -6.36 6.82
CA TRP B 109 -2.80 -7.18 5.65
C TRP B 109 -1.68 -8.14 6.00
N PHE B 110 -0.61 -7.65 6.61
CA PHE B 110 0.47 -8.53 7.05
C PHE B 110 -0.05 -9.64 7.94
N ALA B 111 -0.94 -9.31 8.88
CA ALA B 111 -1.42 -10.32 9.82
C ALA B 111 -2.25 -11.37 9.11
N GLY B 112 -3.14 -10.94 8.21
CA GLY B 112 -3.96 -11.90 7.48
C GLY B 112 -3.17 -12.66 6.43
N HIS B 113 -2.18 -12.01 5.82
CA HIS B 113 -1.29 -12.72 4.91
C HIS B 113 -0.57 -13.84 5.64
N ARG B 114 -0.11 -13.58 6.87
CA ARG B 114 0.71 -14.55 7.58
C ARG B 114 -0.13 -15.62 8.28
N ASN B 115 -1.26 -15.23 8.88
CA ASN B 115 -1.99 -16.14 9.75
C ASN B 115 -3.47 -16.20 9.40
N GLY B 116 -3.86 -15.72 8.23
CA GLY B 116 -5.22 -15.85 7.78
C GLY B 116 -6.19 -15.09 8.66
N GLU B 117 -7.39 -15.64 8.77
CA GLU B 117 -8.46 -14.95 9.48
C GLU B 117 -8.12 -14.74 10.94
N SER B 118 -7.50 -15.73 11.59
CA SER B 118 -7.16 -15.57 12.99
C SER B 118 -6.11 -14.49 13.20
N GLY B 119 -5.22 -14.30 12.23
CA GLY B 119 -4.27 -13.20 12.30
C GLY B 119 -4.93 -11.84 12.41
N LEU B 120 -6.10 -11.67 11.80
CA LEU B 120 -6.78 -10.38 11.90
C LEU B 120 -7.16 -10.07 13.35
N SER B 121 -7.33 -11.09 14.19
CA SER B 121 -7.67 -10.88 15.58
C SER B 121 -6.45 -10.65 16.48
N ASN B 122 -5.24 -10.99 16.01
CA ASN B 122 -4.01 -10.80 16.78
C ASN B 122 -2.91 -10.39 15.82
N PRO B 123 -2.91 -9.13 15.37
CA PRO B 123 -2.03 -8.73 14.27
C PRO B 123 -0.60 -8.41 14.66
N TYR B 124 -0.27 -8.43 15.95
CA TYR B 124 1.02 -7.94 16.41
C TYR B 124 1.79 -9.01 17.18
N THR B 125 1.62 -10.27 16.81
CA THR B 125 2.41 -11.35 17.38
C THR B 125 3.87 -11.17 16.99
N GLN B 126 4.75 -11.86 17.72
CA GLN B 126 6.17 -11.80 17.36
C GLN B 126 6.40 -12.33 15.94
N ASP B 127 5.71 -13.41 15.55
CA ASP B 127 5.94 -13.93 14.21
C ASP B 127 5.52 -12.94 13.14
N ILE B 128 4.41 -12.25 13.32
CA ILE B 128 4.01 -11.27 12.31
C ILE B 128 5.00 -10.11 12.28
N THR B 129 5.40 -9.63 13.46
CA THR B 129 6.39 -8.56 13.51
C THR B 129 7.70 -8.98 12.84
N ASN B 130 8.14 -10.21 13.08
CA ASN B 130 9.37 -10.70 12.46
C ASN B 130 9.27 -10.70 10.94
N TYR B 131 8.12 -11.12 10.43
CA TYR B 131 7.89 -11.11 8.99
C TYR B 131 7.94 -9.68 8.44
N LYS B 132 7.24 -8.75 9.11
CA LYS B 132 7.26 -7.34 8.67
C LYS B 132 8.67 -6.77 8.70
N ASP B 133 9.42 -7.06 9.78
CA ASP B 133 10.78 -6.54 9.86
C ASP B 133 11.67 -7.14 8.78
N ALA B 134 11.43 -8.40 8.41
CA ALA B 134 12.17 -9.01 7.31
C ALA B 134 11.89 -8.30 5.99
N VAL B 135 10.61 -8.02 5.70
CA VAL B 135 10.28 -7.31 4.47
C VAL B 135 10.94 -5.94 4.44
N ASN B 136 10.87 -5.21 5.56
CA ASN B 136 11.47 -3.88 5.61
C ASN B 136 12.97 -3.94 5.35
N TRP B 137 13.65 -4.94 5.93
CA TRP B 137 15.10 -5.05 5.72
C TRP B 137 15.40 -5.32 4.26
N ILE B 138 14.63 -6.22 3.67
CA ILE B 138 14.77 -6.55 2.26
C ILE B 138 14.52 -5.31 1.39
N HIS B 139 13.46 -4.55 1.68
CA HIS B 139 13.18 -3.33 0.94
C HIS B 139 14.33 -2.33 1.06
N ASP B 140 14.87 -2.17 2.27
CA ASP B 140 16.03 -1.31 2.46
C ASP B 140 17.19 -1.73 1.56
N GLN B 141 17.43 -3.04 1.44
CA GLN B 141 18.56 -3.50 0.63
C GLN B 141 18.29 -3.20 -0.86
N LEU B 142 17.09 -3.51 -1.34
CA LEU B 142 16.72 -3.18 -2.71
C LEU B 142 16.89 -1.70 -2.99
N ALA B 143 16.49 -0.85 -2.04
CA ALA B 143 16.51 0.59 -2.23
C ALA B 143 17.90 1.18 -2.09
N SER B 144 18.88 0.40 -1.62
CA SER B 144 20.21 0.95 -1.38
C SER B 144 21.02 1.17 -2.64
N ASP B 145 20.60 0.61 -3.78
CA ASP B 145 21.32 0.76 -5.03
C ASP B 145 20.37 0.40 -6.17
N PRO B 146 20.17 1.29 -7.14
CA PRO B 146 19.24 0.98 -8.24
C PRO B 146 19.60 -0.28 -9.00
N LYS B 147 20.85 -0.74 -8.93
CA LYS B 147 21.21 -1.94 -9.67
C LYS B 147 20.48 -3.17 -9.12
N TYR B 148 20.07 -3.13 -7.85
CA TYR B 148 19.37 -4.28 -7.29
C TYR B 148 17.96 -4.42 -7.84
N LEU B 149 17.47 -3.42 -8.58
CA LEU B 149 16.15 -3.55 -9.18
C LEU B 149 16.19 -4.31 -10.50
N SER B 150 17.38 -4.57 -11.05
CA SER B 150 17.47 -5.31 -12.30
C SER B 150 18.55 -6.38 -12.33
N ASP B 151 19.41 -6.50 -11.32
CA ASP B 151 20.43 -7.52 -11.33
C ASP B 151 19.87 -8.82 -10.74
N ASP B 152 20.73 -9.83 -10.57
CA ASP B 152 20.29 -11.14 -10.11
C ASP B 152 20.51 -11.33 -8.60
N THR B 153 20.65 -10.26 -7.85
CA THR B 153 20.90 -10.37 -6.42
C THR B 153 19.61 -10.61 -5.65
N ARG B 154 19.61 -11.62 -4.80
CA ARG B 154 18.52 -11.85 -3.84
C ARG B 154 18.99 -11.51 -2.44
N PHE B 155 18.16 -10.79 -1.70
CA PHE B 155 18.35 -10.59 -0.26
C PHE B 155 17.40 -11.53 0.46
N TRP B 156 17.93 -12.38 1.34
CA TRP B 156 17.14 -13.38 2.02
C TRP B 156 17.20 -13.17 3.53
N VAL B 157 16.12 -13.56 4.20
CA VAL B 157 16.02 -13.49 5.66
C VAL B 157 15.46 -14.82 6.16
#